data_9JGL
#
_entry.id   9JGL
#
_cell.length_a   49.254
_cell.length_b   95.093
_cell.length_c   146.031
_cell.angle_alpha   90.00
_cell.angle_beta   90.00
_cell.angle_gamma   90.00
#
_symmetry.space_group_name_H-M   'P 21 21 21'
#
loop_
_entity.id
_entity.type
_entity.pdbx_description
1 polymer '14-3-3 protein sigma'
2 polymer MEX3B
3 water water
#
loop_
_entity_poly.entity_id
_entity_poly.type
_entity_poly.pdbx_seq_one_letter_code
_entity_poly.pdbx_strand_id
1 'polypeptide(L)'
;HHHHHHMERASLIQKAKLAEQAERYEDMAAFMKGAVEKGEELSCEERNLLSVAYKNVVGGQRAAWRVLSSIEQKSNEEGS
EEKGPEVREYREKVETELQGVCDTVLGLLDSHLIKEAGDAESRVFYLKMKGDYYRYLAEVATGDDKKRIIDSARSAYQEA
MDISKKEMPPTNPIRLGLALNFSVFHYEIANSPEEAISLAKTTFDEAMADLHTLSEDSYKDSTLIMQLLRDNLTLWT
;
A,B
2 'polypeptide(L)' RRVR(SEP)DPG C,D
#
# COMPACT_ATOMS: atom_id res chain seq x y z
N HIS A 1 -34.16 1.09 22.56
CA HIS A 1 -34.38 0.88 21.12
C HIS A 1 -33.12 1.21 20.31
N HIS A 2 -32.55 0.20 19.61
CA HIS A 2 -31.23 0.38 19.02
C HIS A 2 -31.09 -0.20 17.61
N HIS A 3 -32.19 -0.34 16.86
CA HIS A 3 -32.08 -1.00 15.56
C HIS A 3 -31.20 -0.20 14.60
N HIS A 4 -31.36 1.12 14.57
CA HIS A 4 -30.53 1.91 13.66
C HIS A 4 -29.06 1.84 14.05
N HIS A 5 -28.79 1.75 15.35
CA HIS A 5 -27.42 1.60 15.83
C HIS A 5 -26.85 0.23 15.46
N HIS A 6 -27.69 -0.82 15.45
CA HIS A 6 -27.23 -2.14 14.99
C HIS A 6 -26.95 -2.14 13.49
N MET A 7 -27.78 -1.44 12.71
CA MET A 7 -27.60 -1.46 11.26
C MET A 7 -26.40 -0.63 10.85
N GLU A 8 -26.05 0.40 11.63
CA GLU A 8 -24.84 1.15 11.36
C GLU A 8 -23.60 0.31 11.67
N ARG A 9 -23.60 -0.38 12.81
CA ARG A 9 -22.51 -1.31 13.10
C ARG A 9 -22.31 -2.29 11.95
N ALA A 10 -23.42 -2.85 11.45
CA ALA A 10 -23.30 -3.87 10.41
C ALA A 10 -22.83 -3.27 9.09
N SER A 11 -23.21 -2.02 8.81
CA SER A 11 -22.71 -1.38 7.60
C SER A 11 -21.21 -1.14 7.67
N LEU A 12 -20.72 -0.71 8.84
CA LEU A 12 -19.29 -0.49 9.01
C LEU A 12 -18.54 -1.79 8.84
N ILE A 13 -18.98 -2.85 9.52
CA ILE A 13 -18.35 -4.16 9.38
C ILE A 13 -18.29 -4.56 7.92
N GLN A 14 -19.38 -4.34 7.18
CA GLN A 14 -19.42 -4.76 5.79
C GLN A 14 -18.45 -3.92 4.96
N LYS A 15 -18.44 -2.60 5.19
CA LYS A 15 -17.50 -1.76 4.45
C LYS A 15 -16.04 -2.10 4.79
N ALA A 16 -15.75 -2.51 6.03
CA ALA A 16 -14.41 -2.97 6.36
C ALA A 16 -14.04 -4.19 5.53
N LYS A 17 -14.97 -5.13 5.40
CA LYS A 17 -14.73 -6.30 4.55
C LYS A 17 -14.47 -5.87 3.11
N LEU A 18 -15.20 -4.86 2.63
CA LEU A 18 -14.98 -4.36 1.28
C LEU A 18 -13.62 -3.68 1.17
N ALA A 19 -13.28 -2.83 2.14
CA ALA A 19 -11.96 -2.19 2.12
C ALA A 19 -10.85 -3.23 2.12
N GLU A 20 -11.05 -4.34 2.85
CA GLU A 20 -10.07 -5.42 2.85
C GLU A 20 -9.92 -6.05 1.47
N GLN A 21 -11.04 -6.34 0.80
CA GLN A 21 -10.97 -6.84 -0.57
C GLN A 21 -10.25 -5.85 -1.48
N ALA A 22 -10.48 -4.55 -1.26
CA ALA A 22 -9.89 -3.52 -2.10
C ALA A 22 -8.47 -3.15 -1.67
N GLU A 23 -7.93 -3.82 -0.65
CA GLU A 23 -6.63 -3.48 -0.08
C GLU A 23 -6.53 -1.99 0.24
N ARG A 24 -7.57 -1.44 0.85
CA ARG A 24 -7.55 -0.04 1.26
C ARG A 24 -7.61 -0.01 2.78
N TYR A 25 -6.42 -0.12 3.39
CA TYR A 25 -6.33 -0.48 4.79
C TYR A 25 -6.55 0.71 5.71
N GLU A 26 -6.33 1.92 5.24
CA GLU A 26 -6.65 3.08 6.06
C GLU A 26 -8.15 3.18 6.23
N ASP A 27 -8.89 2.99 5.13
CA ASP A 27 -10.35 2.93 5.20
C ASP A 27 -10.78 1.79 6.09
N MET A 28 -10.23 0.59 5.84
CA MET A 28 -10.58 -0.58 6.64
C MET A 28 -10.44 -0.30 8.12
N ALA A 29 -9.39 0.44 8.50
CA ALA A 29 -9.16 0.69 9.92
C ALA A 29 -10.14 1.73 10.45
N ALA A 30 -10.44 2.75 9.65
CA ALA A 30 -11.45 3.72 10.05
C ALA A 30 -12.81 3.05 10.24
N PHE A 31 -13.20 2.15 9.31
CA PHE A 31 -14.46 1.45 9.44
C PHE A 31 -14.48 0.58 10.70
N MET A 32 -13.42 -0.20 10.93
CA MET A 32 -13.39 -1.05 12.12
C MET A 32 -13.36 -0.21 13.38
N LYS A 33 -12.70 0.94 13.34
CA LYS A 33 -12.75 1.84 14.47
C LYS A 33 -14.18 2.24 14.78
N GLY A 34 -14.95 2.60 13.75
CA GLY A 34 -16.35 2.94 13.96
C GLY A 34 -17.15 1.79 14.52
N ALA A 35 -16.94 0.59 13.99
CA ALA A 35 -17.67 -0.58 14.46
C ALA A 35 -17.39 -0.87 15.92
N VAL A 36 -16.11 -0.87 16.31
CA VAL A 36 -15.76 -1.03 17.71
C VAL A 36 -16.51 -0.01 18.58
N GLU A 37 -16.65 1.22 18.08
CA GLU A 37 -17.23 2.28 18.90
C GLU A 37 -18.74 2.16 19.05
N LYS A 38 -19.39 1.20 18.36
CA LYS A 38 -20.80 0.97 18.59
C LYS A 38 -21.07 0.29 19.93
N GLY A 39 -20.10 -0.43 20.49
CA GLY A 39 -20.17 -0.91 21.86
C GLY A 39 -20.12 -2.42 22.02
N GLU A 40 -20.59 -3.16 21.01
CA GLU A 40 -20.66 -4.62 21.13
C GLU A 40 -19.27 -5.26 21.07
N GLU A 41 -19.17 -6.47 21.60
CA GLU A 41 -17.93 -7.21 21.42
C GLU A 41 -17.70 -7.51 19.95
N LEU A 42 -16.49 -7.93 19.64
CA LEU A 42 -16.18 -8.37 18.29
C LEU A 42 -16.16 -9.89 18.24
N SER A 43 -16.72 -10.44 17.17
CA SER A 43 -16.53 -11.85 16.88
C SER A 43 -15.07 -12.13 16.54
N CYS A 44 -14.75 -13.41 16.38
CA CYS A 44 -13.40 -13.80 16.01
C CYS A 44 -13.02 -13.20 14.66
N GLU A 45 -13.92 -13.29 13.68
CA GLU A 45 -13.65 -12.71 12.38
C GLU A 45 -13.53 -11.19 12.45
N GLU A 46 -14.33 -10.53 13.31
CA GLU A 46 -14.24 -9.08 13.43
C GLU A 46 -12.93 -8.66 14.10
N ARG A 47 -12.51 -9.38 15.14
CA ARG A 47 -11.18 -9.16 15.73
C ARG A 47 -10.11 -9.23 14.65
N ASN A 48 -10.24 -10.17 13.72
CA ASN A 48 -9.17 -10.29 12.74
C ASN A 48 -9.26 -9.21 11.68
N LEU A 49 -10.45 -8.69 11.38
CA LEU A 49 -10.53 -7.51 10.51
C LEU A 49 -9.86 -6.32 11.18
N LEU A 50 -10.16 -6.09 12.46
CA LEU A 50 -9.52 -5.01 13.21
C LEU A 50 -8.02 -5.15 13.18
N SER A 51 -7.51 -6.35 13.48
CA SER A 51 -6.07 -6.57 13.55
C SER A 51 -5.40 -6.41 12.19
N VAL A 52 -6.00 -6.97 11.14
CA VAL A 52 -5.40 -6.89 9.81
C VAL A 52 -5.33 -5.43 9.34
N ALA A 53 -6.37 -4.65 9.63
CA ALA A 53 -6.41 -3.28 9.13
C ALA A 53 -5.31 -2.44 9.73
N TYR A 54 -5.19 -2.45 11.07
CA TYR A 54 -4.20 -1.62 11.72
C TYR A 54 -2.78 -2.19 11.56
N LYS A 55 -2.64 -3.50 11.43
CA LYS A 55 -1.31 -4.06 11.16
C LYS A 55 -0.76 -3.57 9.82
N ASN A 56 -1.61 -3.38 8.80
CA ASN A 56 -1.13 -2.85 7.54
C ASN A 56 -0.81 -1.35 7.64
N VAL A 57 -1.70 -0.57 8.25
CA VAL A 57 -1.42 0.85 8.41
C VAL A 57 -0.11 1.07 9.16
N VAL A 58 0.04 0.47 10.34
CA VAL A 58 1.23 0.74 11.13
C VAL A 58 2.47 0.06 10.51
N GLY A 59 2.30 -1.06 9.83
CA GLY A 59 3.42 -1.66 9.12
C GLY A 59 4.03 -0.74 8.07
N GLY A 60 3.19 -0.04 7.30
CA GLY A 60 3.72 0.88 6.30
C GLY A 60 4.45 2.06 6.94
N GLN A 61 3.95 2.52 8.08
CA GLN A 61 4.60 3.62 8.80
C GLN A 61 5.94 3.19 9.43
N ARG A 62 5.99 2.01 10.04
CA ARG A 62 7.24 1.54 10.64
C ARG A 62 8.30 1.28 9.59
N ALA A 63 7.93 0.66 8.46
CA ALA A 63 8.91 0.49 7.39
C ALA A 63 9.40 1.85 6.90
N ALA A 64 8.50 2.83 6.77
CA ALA A 64 8.91 4.18 6.38
C ALA A 64 9.86 4.77 7.41
N TRP A 65 9.47 4.73 8.69
CA TRP A 65 10.30 5.29 9.76
C TRP A 65 11.70 4.66 9.77
N ARG A 66 11.78 3.34 9.60
CA ARG A 66 13.07 2.65 9.61
C ARG A 66 13.95 3.11 8.46
N VAL A 67 13.35 3.29 7.28
CA VAL A 67 14.13 3.77 6.14
C VAL A 67 14.65 5.17 6.40
N LEU A 68 13.77 6.08 6.86
CA LEU A 68 14.20 7.45 7.11
C LEU A 68 15.23 7.51 8.25
N SER A 69 15.02 6.75 9.33
CA SER A 69 15.96 6.76 10.44
C SER A 69 17.33 6.22 10.02
N SER A 70 17.34 5.21 9.16
CA SER A 70 18.58 4.71 8.58
C SER A 70 19.32 5.80 7.82
N ILE A 71 18.59 6.55 6.97
CA ILE A 71 19.21 7.64 6.21
C ILE A 71 19.70 8.73 7.14
N GLU A 72 18.91 9.07 8.14
CA GLU A 72 19.28 10.15 9.06
C GLU A 72 20.53 9.81 9.87
N GLN A 73 20.71 8.53 10.20
CA GLN A 73 21.89 8.11 10.96
C GLN A 73 23.16 8.26 10.14
N LYS A 74 23.14 7.83 8.87
CA LYS A 74 24.31 7.98 8.01
C LYS A 74 24.60 9.44 7.70
N SER A 75 23.61 10.33 7.82
CA SER A 75 23.78 11.75 7.55
C SER A 75 24.32 12.52 8.75
N ASN A 76 24.22 11.96 9.95
CA ASN A 76 24.93 12.48 11.11
C ASN A 76 26.28 11.78 11.32
N GLU A 77 26.83 11.20 10.26
CA GLU A 77 28.18 10.64 10.26
C GLU A 77 29.12 11.34 9.30
N GLU A 78 28.60 12.02 8.27
CA GLU A 78 29.40 12.64 7.22
C GLU A 78 29.53 14.15 7.38
N GLY A 79 28.68 14.77 8.19
CA GLY A 79 28.53 16.22 8.16
C GLY A 79 27.68 16.72 7.02
N SER A 80 26.99 15.81 6.30
CA SER A 80 26.15 16.16 5.16
C SER A 80 24.94 16.94 5.63
N GLU A 81 25.14 18.25 5.85
CA GLU A 81 24.15 19.15 6.38
C GLU A 81 23.40 19.94 5.31
N GLU A 82 23.75 19.75 4.02
CA GLU A 82 23.07 20.46 2.93
C GLU A 82 21.69 19.88 2.67
N LYS A 83 21.59 18.55 2.61
CA LYS A 83 20.31 17.84 2.65
C LYS A 83 20.03 17.31 4.06
N GLY A 84 20.44 18.10 5.06
CA GLY A 84 20.38 17.72 6.45
C GLY A 84 19.02 17.87 7.11
N PRO A 85 18.49 19.10 7.16
CA PRO A 85 17.24 19.31 7.92
C PRO A 85 16.07 18.50 7.41
N GLU A 86 15.99 18.25 6.09
CA GLU A 86 14.81 17.63 5.49
C GLU A 86 14.64 16.19 5.94
N VAL A 87 15.73 15.46 6.10
CA VAL A 87 15.62 14.07 6.51
C VAL A 87 15.07 14.00 7.92
N ARG A 88 15.60 14.82 8.82
CA ARG A 88 15.11 14.89 10.19
C ARG A 88 13.65 15.31 10.25
N GLU A 89 13.29 16.38 9.55
CA GLU A 89 11.91 16.87 9.58
C GLU A 89 10.93 15.81 9.11
N TYR A 90 11.27 15.10 8.02
CA TYR A 90 10.34 14.14 7.44
C TYR A 90 10.25 12.86 8.30
N ARG A 91 11.41 12.39 8.80
CA ARG A 91 11.40 11.35 9.82
C ARG A 91 10.47 11.70 10.98
N GLU A 92 10.54 12.94 11.49
CA GLU A 92 9.71 13.32 12.64
C GLU A 92 8.23 13.33 12.28
N LYS A 93 7.90 13.65 11.03
CA LYS A 93 6.52 13.67 10.59
C LYS A 93 5.93 12.26 10.59
N VAL A 94 6.60 11.34 9.88
CA VAL A 94 6.17 9.94 9.83
C VAL A 94 6.04 9.39 11.24
N GLU A 95 7.01 9.72 12.11
CA GLU A 95 7.01 9.25 13.48
C GLU A 95 5.77 9.72 14.24
N THR A 96 5.34 10.96 14.00
CA THR A 96 4.17 11.47 14.71
C THR A 96 2.89 10.82 14.21
N GLU A 97 2.81 10.56 12.91
CA GLU A 97 1.65 9.84 12.38
C GLU A 97 1.64 8.39 12.87
N LEU A 98 2.82 7.79 13.02
CA LEU A 98 2.90 6.45 13.59
C LEU A 98 2.37 6.44 15.02
N GLN A 99 2.79 7.42 15.83
CA GLN A 99 2.35 7.47 17.21
C GLN A 99 0.86 7.73 17.31
N GLY A 100 0.30 8.51 16.40
CA GLY A 100 -1.13 8.74 16.40
C GLY A 100 -1.92 7.47 16.13
N VAL A 101 -1.45 6.64 15.20
CA VAL A 101 -2.14 5.38 14.91
C VAL A 101 -2.07 4.44 16.11
N CYS A 102 -0.91 4.35 16.76
CA CYS A 102 -0.80 3.50 17.94
C CYS A 102 -1.71 3.99 19.06
N ASP A 103 -1.79 5.31 19.26
CA ASP A 103 -2.70 5.86 20.27
C ASP A 103 -4.14 5.51 19.94
N THR A 104 -4.52 5.62 18.67
CA THR A 104 -5.86 5.19 18.28
C THR A 104 -6.10 3.73 18.64
N VAL A 105 -5.16 2.84 18.29
CA VAL A 105 -5.37 1.43 18.59
C VAL A 105 -5.43 1.19 20.09
N LEU A 106 -4.52 1.82 20.85
CA LEU A 106 -4.51 1.68 22.29
C LEU A 106 -5.76 2.27 22.91
N GLY A 107 -6.29 3.36 22.34
CA GLY A 107 -7.56 3.87 22.82
C GLY A 107 -8.68 2.86 22.65
N LEU A 108 -8.71 2.19 21.50
CA LEU A 108 -9.75 1.19 21.27
C LEU A 108 -9.64 0.04 22.25
N LEU A 109 -8.40 -0.41 22.51
CA LEU A 109 -8.21 -1.57 23.36
C LEU A 109 -8.65 -1.27 24.79
N ASP A 110 -8.23 -0.12 25.31
CA ASP A 110 -8.41 0.18 26.72
C ASP A 110 -9.79 0.73 27.02
N SER A 111 -10.39 1.44 26.07
CA SER A 111 -11.72 1.99 26.29
C SER A 111 -12.83 1.00 25.95
N HIS A 112 -12.58 0.06 25.03
CA HIS A 112 -13.68 -0.74 24.50
C HIS A 112 -13.42 -2.24 24.55
N LEU A 113 -12.30 -2.70 24.00
CA LEU A 113 -12.19 -4.13 23.73
C LEU A 113 -11.69 -4.93 24.93
N ILE A 114 -10.70 -4.44 25.66
CA ILE A 114 -10.15 -5.30 26.71
C ILE A 114 -11.16 -5.46 27.83
N LYS A 115 -11.85 -4.38 28.21
CA LYS A 115 -12.80 -4.47 29.31
C LYS A 115 -14.06 -5.27 28.94
N GLU A 116 -14.59 -5.08 27.73
CA GLU A 116 -15.80 -5.79 27.33
C GLU A 116 -15.54 -7.17 26.73
N ALA A 117 -14.33 -7.72 26.87
CA ALA A 117 -13.94 -8.97 26.23
C ALA A 117 -14.53 -10.17 26.99
N GLY A 118 -15.42 -10.91 26.33
CA GLY A 118 -16.07 -12.07 26.93
C GLY A 118 -15.17 -13.20 27.39
N ASP A 119 -14.67 -14.02 26.46
CA ASP A 119 -13.96 -15.26 26.77
C ASP A 119 -12.48 -14.98 27.02
N ALA A 120 -11.68 -16.04 27.05
CA ALA A 120 -10.25 -15.98 27.31
C ALA A 120 -9.42 -15.80 26.05
N GLU A 121 -9.79 -16.48 24.96
CA GLU A 121 -9.12 -16.23 23.69
C GLU A 121 -9.12 -14.74 23.38
N SER A 122 -10.25 -14.07 23.59
CA SER A 122 -10.36 -12.66 23.29
C SER A 122 -9.48 -11.81 24.18
N ARG A 123 -9.47 -12.09 25.48
CA ARG A 123 -8.62 -11.33 26.38
C ARG A 123 -7.16 -11.48 25.99
N VAL A 124 -6.74 -12.69 25.60
CA VAL A 124 -5.35 -12.88 25.19
C VAL A 124 -5.09 -12.13 23.88
N PHE A 125 -6.02 -12.20 22.93
CA PHE A 125 -5.85 -11.49 21.67
C PHE A 125 -5.64 -9.99 21.90
N TYR A 126 -6.55 -9.36 22.67
CA TYR A 126 -6.45 -7.91 22.86
C TYR A 126 -5.25 -7.53 23.71
N LEU A 127 -4.98 -8.30 24.77
CA LEU A 127 -3.83 -7.98 25.61
C LEU A 127 -2.54 -8.08 24.81
N LYS A 128 -2.42 -9.11 23.96
CA LYS A 128 -1.27 -9.20 23.07
C LYS A 128 -1.21 -7.99 22.13
N MET A 129 -2.35 -7.58 21.60
CA MET A 129 -2.34 -6.43 20.70
C MET A 129 -1.90 -5.16 21.44
N LYS A 130 -2.32 -5.02 22.69
CA LYS A 130 -1.87 -3.91 23.53
C LYS A 130 -0.35 -3.89 23.66
N GLY A 131 0.24 -5.03 24.03
CA GLY A 131 1.70 -5.13 24.07
C GLY A 131 2.35 -4.76 22.75
N ASP A 132 1.81 -5.28 21.64
CA ASP A 132 2.37 -5.00 20.31
C ASP A 132 2.40 -3.51 20.03
N TYR A 133 1.30 -2.80 20.31
CA TYR A 133 1.25 -1.41 19.87
C TYR A 133 2.04 -0.50 20.81
N TYR A 134 2.18 -0.88 22.09
CA TYR A 134 3.18 -0.19 22.91
C TYR A 134 4.58 -0.48 22.40
N ARG A 135 4.84 -1.75 22.05
CA ARG A 135 6.11 -2.11 21.43
C ARG A 135 6.40 -1.26 20.20
N TYR A 136 5.37 -0.95 19.39
CA TYR A 136 5.62 -0.13 18.21
C TYR A 136 5.96 1.30 18.60
N LEU A 137 5.35 1.82 19.68
CA LEU A 137 5.78 3.11 20.21
C LEU A 137 7.22 3.03 20.70
N ALA A 138 7.55 1.96 21.41
CA ALA A 138 8.89 1.78 21.97
C ALA A 138 9.96 1.79 20.88
N GLU A 139 9.66 1.27 19.69
CA GLU A 139 10.69 1.28 18.64
C GLU A 139 11.13 2.69 18.25
N VAL A 140 10.29 3.70 18.49
CA VAL A 140 10.66 5.06 18.10
C VAL A 140 10.93 5.98 19.28
N ALA A 141 10.64 5.54 20.51
CA ALA A 141 10.91 6.40 21.65
C ALA A 141 12.37 6.28 22.08
N THR A 142 12.82 7.22 22.90
CA THR A 142 14.16 7.18 23.45
C THR A 142 14.13 7.48 24.93
N GLY A 143 15.14 6.95 25.62
CA GLY A 143 15.44 7.32 26.99
C GLY A 143 14.49 6.78 28.04
N ASP A 144 14.07 7.65 28.95
CA ASP A 144 13.16 7.24 30.02
C ASP A 144 11.74 7.09 29.50
N ASP A 145 11.37 7.90 28.50
CA ASP A 145 10.08 7.72 27.84
C ASP A 145 9.98 6.32 27.24
N LYS A 146 11.06 5.88 26.56
CA LYS A 146 11.13 4.51 26.05
C LYS A 146 10.98 3.50 27.17
N LYS A 147 11.59 3.76 28.34
CA LYS A 147 11.52 2.81 29.44
C LYS A 147 10.11 2.72 30.04
N ARG A 148 9.38 3.83 30.11
CA ARG A 148 7.97 3.76 30.53
C ARG A 148 7.11 2.97 29.53
N ILE A 149 7.33 3.17 28.23
CA ILE A 149 6.56 2.40 27.25
C ILE A 149 6.85 0.91 27.39
N ILE A 150 8.14 0.56 27.51
CA ILE A 150 8.55 -0.82 27.78
C ILE A 150 7.78 -1.41 28.96
N ASP A 151 7.64 -0.65 30.05
CA ASP A 151 6.92 -1.18 31.23
C ASP A 151 5.47 -1.52 30.90
N SER A 152 4.79 -0.62 30.18
CA SER A 152 3.41 -0.90 29.77
C SER A 152 3.33 -2.13 28.86
N ALA A 153 4.25 -2.26 27.91
CA ALA A 153 4.23 -3.40 26.99
C ALA A 153 4.48 -4.71 27.73
N ARG A 154 5.57 -4.78 28.49
CA ARG A 154 5.87 -5.96 29.30
C ARG A 154 4.67 -6.32 30.15
N SER A 155 3.99 -5.32 30.70
CA SER A 155 2.88 -5.60 31.59
C SER A 155 1.69 -6.22 30.83
N ALA A 156 1.38 -5.68 29.65
CA ALA A 156 0.32 -6.27 28.83
C ALA A 156 0.63 -7.68 28.34
N TYR A 157 1.85 -7.90 27.83
CA TYR A 157 2.26 -9.22 27.38
C TYR A 157 2.22 -10.24 28.51
N GLN A 158 2.80 -9.88 29.67
CA GLN A 158 2.84 -10.84 30.77
C GLN A 158 1.44 -11.27 31.20
N GLU A 159 0.47 -10.36 31.14
CA GLU A 159 -0.88 -10.75 31.53
C GLU A 159 -1.52 -11.65 30.47
N ALA A 160 -1.22 -11.40 29.19
CA ALA A 160 -1.65 -12.30 28.13
C ALA A 160 -0.98 -13.66 28.28
N MET A 161 0.30 -13.66 28.65
CA MET A 161 1.01 -14.92 28.88
C MET A 161 0.34 -15.74 29.98
N ASP A 162 -0.01 -15.08 31.08
CA ASP A 162 -0.61 -15.81 32.21
C ASP A 162 -1.91 -16.46 31.80
N ILE A 163 -2.76 -15.71 31.08
CA ILE A 163 -4.03 -16.28 30.66
C ILE A 163 -3.80 -17.40 29.66
N SER A 164 -2.94 -17.18 28.66
CA SER A 164 -2.72 -18.19 27.65
C SER A 164 -2.12 -19.46 28.23
N LYS A 165 -1.25 -19.35 29.24
CA LYS A 165 -0.66 -20.56 29.83
C LYS A 165 -1.70 -21.41 30.54
N LYS A 166 -2.75 -20.80 31.04
CA LYS A 166 -3.78 -21.54 31.78
C LYS A 166 -4.92 -22.01 30.90
N GLU A 167 -5.14 -21.35 29.76
CA GLU A 167 -6.36 -21.52 28.99
C GLU A 167 -6.17 -22.14 27.62
N MET A 168 -4.94 -22.21 27.11
CA MET A 168 -4.78 -22.67 25.75
C MET A 168 -3.66 -23.71 25.68
N PRO A 169 -3.72 -24.61 24.71
CA PRO A 169 -2.66 -25.59 24.55
C PRO A 169 -1.40 -24.95 23.98
N PRO A 170 -0.22 -25.56 24.22
CA PRO A 170 1.03 -25.00 23.69
C PRO A 170 1.04 -24.74 22.19
N THR A 171 0.20 -25.43 21.43
CA THR A 171 0.22 -25.27 19.98
C THR A 171 -0.75 -24.20 19.49
N ASN A 172 -1.54 -23.61 20.38
CA ASN A 172 -2.54 -22.65 19.94
C ASN A 172 -1.87 -21.47 19.24
N PRO A 173 -2.30 -21.11 18.02
CA PRO A 173 -1.58 -20.06 17.28
C PRO A 173 -1.58 -18.70 17.98
N ILE A 174 -2.65 -18.35 18.69
CA ILE A 174 -2.66 -17.08 19.41
C ILE A 174 -1.64 -17.10 20.54
N ARG A 175 -1.62 -18.18 21.32
CA ARG A 175 -0.56 -18.35 22.30
C ARG A 175 0.83 -18.31 21.67
N LEU A 176 1.00 -19.01 20.54
CA LEU A 176 2.30 -19.03 19.86
C LEU A 176 2.69 -17.63 19.37
N GLY A 177 1.74 -16.93 18.72
CA GLY A 177 2.05 -15.58 18.24
C GLY A 177 2.35 -14.61 19.38
N LEU A 178 1.61 -14.74 20.49
CA LEU A 178 1.92 -13.93 21.66
C LEU A 178 3.35 -14.18 22.14
N ALA A 179 3.72 -15.47 22.30
CA ALA A 179 5.06 -15.77 22.79
C ALA A 179 6.12 -15.29 21.80
N LEU A 180 5.87 -15.47 20.50
CA LEU A 180 6.82 -14.98 19.52
C LEU A 180 7.04 -13.47 19.70
N ASN A 181 5.95 -12.72 19.78
CA ASN A 181 6.03 -11.26 19.89
C ASN A 181 6.65 -10.82 21.21
N PHE A 182 6.26 -11.46 22.32
CA PHE A 182 6.91 -11.21 23.59
C PHE A 182 8.42 -11.45 23.51
N SER A 183 8.82 -12.53 22.82
CA SER A 183 10.24 -12.83 22.68
C SER A 183 10.94 -11.79 21.82
N VAL A 184 10.27 -11.31 20.76
CA VAL A 184 10.83 -10.18 19.99
C VAL A 184 10.97 -8.95 20.88
N PHE A 185 9.99 -8.73 21.74
CA PHE A 185 10.04 -7.60 22.66
C PHE A 185 11.29 -7.66 23.54
N HIS A 186 11.56 -8.84 24.10
CA HIS A 186 12.69 -9.02 25.00
C HIS A 186 14.02 -8.72 24.31
N TYR A 187 14.21 -9.21 23.09
CA TYR A 187 15.54 -9.03 22.44
C TYR A 187 15.70 -7.68 21.76
N GLU A 188 14.69 -7.19 21.06
CA GLU A 188 14.86 -5.96 20.24
C GLU A 188 14.52 -4.70 21.04
N ILE A 189 13.69 -4.80 22.05
CA ILE A 189 13.22 -3.59 22.78
C ILE A 189 13.76 -3.55 24.21
N ALA A 190 13.36 -4.50 25.05
CA ALA A 190 13.73 -4.47 26.46
C ALA A 190 15.12 -5.02 26.78
N ASN A 191 15.98 -5.20 25.78
CA ASN A 191 17.36 -5.64 25.96
C ASN A 191 17.48 -6.76 27.01
N SER A 192 16.59 -7.75 26.91
CA SER A 192 16.62 -8.95 27.74
C SER A 192 16.86 -10.18 26.87
N PRO A 193 18.02 -10.28 26.23
CA PRO A 193 18.22 -11.36 25.25
C PRO A 193 18.08 -12.75 25.83
N GLU A 194 18.58 -12.96 27.06
CA GLU A 194 18.48 -14.27 27.67
C GLU A 194 17.03 -14.67 27.87
N GLU A 195 16.21 -13.73 28.33
CA GLU A 195 14.78 -13.98 28.48
C GLU A 195 14.12 -14.23 27.12
N ALA A 196 14.60 -13.56 26.07
CA ALA A 196 14.05 -13.79 24.73
C ALA A 196 14.35 -15.21 24.25
N ILE A 197 15.61 -15.62 24.34
CA ILE A 197 16.00 -16.94 23.87
C ILE A 197 15.31 -18.02 24.69
N SER A 198 15.31 -17.87 26.02
CA SER A 198 14.64 -18.85 26.87
C SER A 198 13.15 -18.95 26.54
N LEU A 199 12.49 -17.81 26.30
CA LEU A 199 11.06 -17.85 25.97
C LEU A 199 10.83 -18.46 24.59
N ALA A 200 11.62 -18.09 23.60
CA ALA A 200 11.45 -18.64 22.26
C ALA A 200 11.74 -20.14 22.23
N LYS A 201 12.79 -20.58 22.94
CA LYS A 201 13.10 -22.02 23.01
C LYS A 201 11.96 -22.81 23.64
N THR A 202 11.54 -22.40 24.85
CA THR A 202 10.46 -23.11 25.54
C THR A 202 9.20 -23.15 24.68
N THR A 203 8.84 -22.04 24.05
CA THR A 203 7.64 -21.99 23.23
C THR A 203 7.76 -22.95 22.05
N PHE A 204 8.91 -22.95 21.37
CA PHE A 204 9.12 -23.87 20.27
C PHE A 204 9.06 -25.33 20.73
N ASP A 205 9.80 -25.67 21.79
CA ASP A 205 9.88 -27.06 22.24
C ASP A 205 8.52 -27.57 22.70
N GLU A 206 7.80 -26.77 23.50
CA GLU A 206 6.51 -27.25 24.00
C GLU A 206 5.49 -27.40 22.90
N ALA A 207 5.53 -26.53 21.88
CA ALA A 207 4.68 -26.73 20.72
C ALA A 207 5.10 -27.96 19.94
N MET A 208 6.41 -28.14 19.73
CA MET A 208 6.92 -29.27 18.94
C MET A 208 6.45 -30.60 19.50
N ALA A 209 6.46 -30.74 20.83
CA ALA A 209 6.09 -31.99 21.48
C ALA A 209 4.62 -32.38 21.27
N ASP A 210 3.75 -31.42 20.95
CA ASP A 210 2.32 -31.70 20.76
C ASP A 210 1.90 -31.71 19.30
N LEU A 211 2.83 -31.50 18.37
CA LEU A 211 2.48 -31.38 16.97
C LEU A 211 1.80 -32.63 16.42
N HIS A 212 2.22 -33.81 16.90
CA HIS A 212 1.64 -35.06 16.41
C HIS A 212 0.17 -35.20 16.80
N THR A 213 -0.29 -34.48 17.82
CA THR A 213 -1.70 -34.52 18.22
C THR A 213 -2.62 -33.66 17.36
N LEU A 214 -2.07 -32.85 16.45
CA LEU A 214 -2.89 -31.86 15.76
C LEU A 214 -3.46 -32.41 14.45
N SER A 215 -4.59 -31.84 14.05
CA SER A 215 -5.12 -31.96 12.69
C SER A 215 -4.15 -31.32 11.69
N GLU A 216 -4.40 -31.55 10.39
CA GLU A 216 -3.54 -30.96 9.36
C GLU A 216 -3.61 -29.42 9.39
N ASP A 217 -4.78 -28.85 9.65
CA ASP A 217 -4.92 -27.39 9.65
C ASP A 217 -4.27 -26.79 10.88
N SER A 218 -4.60 -27.29 12.08
CA SER A 218 -3.91 -26.90 13.30
C SER A 218 -2.41 -26.99 13.13
N TYR A 219 -1.94 -28.10 12.54
CA TYR A 219 -0.52 -28.37 12.39
C TYR A 219 0.15 -27.31 11.52
N LYS A 220 -0.52 -26.91 10.44
CA LYS A 220 0.05 -25.91 9.54
C LYS A 220 0.10 -24.53 10.21
N ASP A 221 -0.95 -24.14 10.93
CA ASP A 221 -0.91 -22.86 11.64
C ASP A 221 0.22 -22.83 12.66
N SER A 222 0.31 -23.89 13.47
CA SER A 222 1.32 -23.94 14.52
C SER A 222 2.73 -23.95 13.93
N THR A 223 3.01 -24.79 12.92
CA THR A 223 4.37 -24.89 12.43
C THR A 223 4.83 -23.63 11.71
N LEU A 224 3.92 -22.92 11.01
CA LEU A 224 4.32 -21.66 10.39
C LEU A 224 4.92 -20.70 11.41
N ILE A 225 4.31 -20.60 12.61
CA ILE A 225 4.83 -19.70 13.62
C ILE A 225 6.06 -20.30 14.30
N MET A 226 6.15 -21.64 14.37
CA MET A 226 7.37 -22.24 14.90
C MET A 226 8.58 -21.98 14.03
N GLN A 227 8.40 -21.90 12.71
CA GLN A 227 9.54 -21.56 11.87
C GLN A 227 10.04 -20.14 12.16
N LEU A 228 9.13 -19.21 12.49
CA LEU A 228 9.57 -17.85 12.84
C LEU A 228 10.28 -17.83 14.18
N LEU A 229 9.77 -18.57 15.17
CA LEU A 229 10.46 -18.66 16.46
C LEU A 229 11.86 -19.20 16.29
N ARG A 230 12.04 -20.18 15.40
CA ARG A 230 13.38 -20.73 15.24
C ARG A 230 14.28 -19.83 14.40
N ASP A 231 13.73 -19.19 13.37
CA ASP A 231 14.54 -18.27 12.58
C ASP A 231 15.07 -17.13 13.44
N ASN A 232 14.21 -16.60 14.31
CA ASN A 232 14.66 -15.62 15.28
C ASN A 232 15.78 -16.21 16.16
N LEU A 233 15.58 -17.43 16.65
CA LEU A 233 16.57 -18.06 17.51
C LEU A 233 17.90 -18.24 16.78
N THR A 234 17.86 -18.67 15.52
CA THR A 234 19.06 -18.70 14.69
C THR A 234 19.78 -17.35 14.74
N LEU A 235 19.02 -16.26 14.58
CA LEU A 235 19.59 -14.92 14.49
C LEU A 235 20.10 -14.43 15.83
N TRP A 236 19.50 -14.87 16.93
CA TRP A 236 19.85 -14.39 18.26
C TRP A 236 20.94 -15.24 18.93
N THR A 237 21.32 -16.37 18.33
CA THR A 237 22.24 -17.29 18.98
C THR A 237 23.62 -17.20 18.35
N MET B 7 8.72 26.44 2.03
CA MET B 7 9.86 25.54 1.77
C MET B 7 10.51 25.77 0.39
N GLU B 8 11.80 25.47 0.30
CA GLU B 8 12.57 25.70 -0.92
C GLU B 8 12.40 24.54 -1.90
N ARG B 9 12.54 24.85 -3.19
CA ARG B 9 12.35 23.85 -4.24
C ARG B 9 13.19 22.59 -4.00
N ALA B 10 14.46 22.76 -3.62
CA ALA B 10 15.33 21.61 -3.44
C ALA B 10 14.91 20.76 -2.25
N SER B 11 14.30 21.38 -1.22
CA SER B 11 13.81 20.59 -0.10
C SER B 11 12.64 19.70 -0.54
N LEU B 12 11.78 20.22 -1.41
CA LEU B 12 10.66 19.43 -1.89
C LEU B 12 11.12 18.25 -2.72
N ILE B 13 12.15 18.46 -3.55
CA ILE B 13 12.69 17.36 -4.34
C ILE B 13 13.34 16.28 -3.48
N GLN B 14 14.10 16.69 -2.48
CA GLN B 14 14.72 15.71 -1.58
C GLN B 14 13.69 14.98 -0.74
N LYS B 15 12.70 15.71 -0.20
CA LYS B 15 11.66 15.03 0.57
C LYS B 15 10.92 14.07 -0.34
N ALA B 16 10.66 14.47 -1.59
CA ALA B 16 10.11 13.55 -2.57
C ALA B 16 10.96 12.30 -2.68
N LYS B 17 12.29 12.46 -2.75
CA LYS B 17 13.15 11.30 -2.95
C LYS B 17 13.15 10.42 -1.71
N LEU B 18 13.14 11.05 -0.53
CA LEU B 18 12.97 10.32 0.71
C LEU B 18 11.66 9.55 0.74
N ALA B 19 10.56 10.21 0.36
CA ALA B 19 9.25 9.56 0.42
C ALA B 19 9.19 8.34 -0.48
N GLU B 20 9.78 8.44 -1.68
CA GLU B 20 9.93 7.28 -2.57
C GLU B 20 10.60 6.11 -1.84
N GLN B 21 11.78 6.37 -1.27
CA GLN B 21 12.49 5.32 -0.54
C GLN B 21 11.66 4.77 0.61
N ALA B 22 10.84 5.62 1.24
CA ALA B 22 9.93 5.17 2.27
C ALA B 22 8.67 4.53 1.71
N GLU B 23 8.50 4.50 0.40
CA GLU B 23 7.30 3.97 -0.24
C GLU B 23 6.05 4.68 0.27
N ARG B 24 6.18 5.98 0.53
CA ARG B 24 5.05 6.83 0.89
C ARG B 24 4.71 7.71 -0.30
N TYR B 25 3.93 7.14 -1.22
CA TYR B 25 3.72 7.75 -2.54
C TYR B 25 2.76 8.93 -2.49
N GLU B 26 1.75 8.87 -1.62
CA GLU B 26 0.92 10.05 -1.40
C GLU B 26 1.77 11.25 -0.98
N ASP B 27 2.66 11.06 0.00
CA ASP B 27 3.57 12.15 0.39
C ASP B 27 4.42 12.59 -0.78
N MET B 28 4.95 11.62 -1.52
CA MET B 28 5.87 11.92 -2.62
C MET B 28 5.18 12.77 -3.68
N ALA B 29 3.90 12.50 -3.96
CA ALA B 29 3.17 13.31 -4.93
C ALA B 29 3.04 14.76 -4.46
N ALA B 30 2.67 14.96 -3.19
CA ALA B 30 2.47 16.32 -2.68
C ALA B 30 3.77 17.10 -2.68
N PHE B 31 4.90 16.45 -2.39
CA PHE B 31 6.20 17.12 -2.52
C PHE B 31 6.51 17.49 -3.98
N MET B 32 6.20 16.61 -4.93
CA MET B 32 6.48 16.94 -6.33
C MET B 32 5.52 17.97 -6.90
N LYS B 33 4.26 17.96 -6.45
CA LYS B 33 3.36 19.04 -6.80
C LYS B 33 3.91 20.39 -6.35
N GLY B 34 4.32 20.46 -5.09
CA GLY B 34 4.96 21.67 -4.61
C GLY B 34 6.19 22.05 -5.41
N ALA B 35 7.03 21.06 -5.76
CA ALA B 35 8.21 21.32 -6.57
C ALA B 35 7.82 21.85 -7.95
N VAL B 36 6.82 21.23 -8.59
CA VAL B 36 6.37 21.69 -9.89
C VAL B 36 5.92 23.15 -9.82
N GLU B 37 5.13 23.49 -8.79
CA GLU B 37 4.54 24.82 -8.67
C GLU B 37 5.57 25.92 -8.39
N LYS B 38 6.84 25.58 -8.18
CA LYS B 38 7.89 26.59 -8.13
C LYS B 38 8.16 27.23 -9.49
N GLY B 39 7.68 26.62 -10.59
CA GLY B 39 7.77 27.21 -11.91
C GLY B 39 9.06 26.99 -12.68
N GLU B 40 9.94 26.13 -12.22
CA GLU B 40 11.12 25.77 -12.99
C GLU B 40 10.89 24.43 -13.69
N GLU B 41 11.56 24.24 -14.82
CA GLU B 41 11.44 23.00 -15.57
C GLU B 41 11.92 21.80 -14.74
N LEU B 42 11.33 20.64 -15.01
CA LEU B 42 11.71 19.40 -14.33
C LEU B 42 12.81 18.70 -15.14
N SER B 43 13.88 18.30 -14.46
CA SER B 43 14.85 17.42 -15.10
C SER B 43 14.18 16.10 -15.47
N CYS B 44 14.95 15.23 -16.13
CA CYS B 44 14.42 13.91 -16.44
C CYS B 44 14.23 13.10 -15.17
N GLU B 45 15.15 13.23 -14.22
CA GLU B 45 14.99 12.58 -12.93
C GLU B 45 13.73 13.08 -12.24
N GLU B 46 13.62 14.40 -12.07
CA GLU B 46 12.46 14.97 -11.37
C GLU B 46 11.17 14.59 -12.06
N ARG B 47 11.17 14.57 -13.39
CA ARG B 47 10.00 14.15 -14.15
C ARG B 47 9.58 12.73 -13.78
N ASN B 48 10.55 11.87 -13.49
CA ASN B 48 10.20 10.49 -13.16
C ASN B 48 9.73 10.36 -11.72
N LEU B 49 10.30 11.17 -10.81
CA LEU B 49 9.75 11.28 -9.47
C LEU B 49 8.26 11.63 -9.52
N LEU B 50 7.89 12.61 -10.33
CA LEU B 50 6.49 12.99 -10.45
C LEU B 50 5.66 11.84 -10.96
N SER B 51 6.15 11.16 -12.00
CA SER B 51 5.39 10.10 -12.64
C SER B 51 5.19 8.90 -11.71
N VAL B 52 6.27 8.46 -11.06
CA VAL B 52 6.18 7.33 -10.15
C VAL B 52 5.21 7.63 -9.01
N ALA B 53 5.29 8.84 -8.45
CA ALA B 53 4.48 9.20 -7.29
C ALA B 53 2.99 9.06 -7.61
N TYR B 54 2.51 9.73 -8.66
CA TYR B 54 1.08 9.69 -8.96
C TYR B 54 0.65 8.37 -9.58
N LYS B 55 1.54 7.69 -10.32
CA LYS B 55 1.20 6.36 -10.84
C LYS B 55 0.90 5.39 -9.71
N ASN B 56 1.69 5.44 -8.64
CA ASN B 56 1.41 4.60 -7.48
C ASN B 56 0.12 5.02 -6.80
N VAL B 57 -0.07 6.32 -6.59
CA VAL B 57 -1.26 6.80 -5.90
C VAL B 57 -2.53 6.40 -6.65
N VAL B 58 -2.56 6.69 -7.95
CA VAL B 58 -3.78 6.40 -8.70
C VAL B 58 -3.94 4.91 -8.95
N GLY B 59 -2.82 4.17 -9.00
CA GLY B 59 -2.91 2.73 -9.22
C GLY B 59 -3.59 2.00 -8.08
N GLY B 60 -3.32 2.40 -6.84
CA GLY B 60 -4.04 1.83 -5.72
C GLY B 60 -5.53 2.16 -5.75
N GLN B 61 -5.86 3.37 -6.19
CA GLN B 61 -7.28 3.73 -6.32
C GLN B 61 -7.97 2.90 -7.41
N ARG B 62 -7.37 2.84 -8.61
CA ARG B 62 -7.99 2.09 -9.70
C ARG B 62 -8.16 0.62 -9.32
N ALA B 63 -7.14 0.02 -8.71
CA ALA B 63 -7.24 -1.38 -8.33
C ALA B 63 -8.33 -1.61 -7.28
N ALA B 64 -8.48 -0.68 -6.31
CA ALA B 64 -9.61 -0.77 -5.39
C ALA B 64 -10.93 -0.59 -6.13
N TRP B 65 -11.00 0.37 -7.04
CA TRP B 65 -12.24 0.64 -7.74
C TRP B 65 -12.72 -0.59 -8.52
N ARG B 66 -11.81 -1.28 -9.22
CA ARG B 66 -12.20 -2.47 -9.96
C ARG B 66 -12.74 -3.55 -9.03
N VAL B 67 -12.11 -3.72 -7.86
CA VAL B 67 -12.63 -4.71 -6.91
C VAL B 67 -14.05 -4.33 -6.50
N LEU B 68 -14.26 -3.04 -6.21
CA LEU B 68 -15.57 -2.60 -5.74
C LEU B 68 -16.63 -2.67 -6.84
N SER B 69 -16.28 -2.26 -8.08
CA SER B 69 -17.23 -2.43 -9.19
C SER B 69 -17.65 -3.88 -9.34
N SER B 70 -16.66 -4.77 -9.45
CA SER B 70 -16.94 -6.18 -9.65
C SER B 70 -17.89 -6.71 -8.59
N ILE B 71 -17.67 -6.35 -7.31
CA ILE B 71 -18.59 -6.78 -6.26
C ILE B 71 -19.97 -6.14 -6.44
N GLU B 72 -20.00 -4.87 -6.85
CA GLU B 72 -21.27 -4.17 -7.06
C GLU B 72 -22.06 -4.86 -8.16
N GLN B 73 -21.48 -4.93 -9.36
CA GLN B 73 -22.16 -5.54 -10.50
C GLN B 73 -22.63 -6.97 -10.19
N LYS B 74 -21.85 -7.70 -9.38
CA LYS B 74 -22.23 -9.05 -8.98
C LYS B 74 -23.31 -9.11 -7.91
N SER B 75 -23.65 -7.99 -7.27
CA SER B 75 -24.84 -7.96 -6.41
C SER B 75 -26.10 -7.60 -7.19
N ASN B 76 -25.99 -6.73 -8.21
CA ASN B 76 -27.05 -6.49 -9.17
C ASN B 76 -27.35 -7.68 -10.09
N GLU B 77 -26.51 -8.72 -10.08
CA GLU B 77 -26.79 -9.95 -10.80
C GLU B 77 -26.85 -11.07 -9.76
N GLU B 78 -25.98 -12.09 -9.83
CA GLU B 78 -25.95 -13.22 -8.92
C GLU B 78 -27.33 -13.87 -8.73
N GLY B 79 -27.88 -13.75 -7.52
CA GLY B 79 -29.12 -14.41 -7.19
C GLY B 79 -29.24 -14.60 -5.69
N SER B 80 -28.22 -15.23 -5.09
CA SER B 80 -28.06 -15.28 -3.64
C SER B 80 -27.24 -14.10 -3.10
N GLU B 81 -27.20 -12.99 -3.84
CA GLU B 81 -26.51 -11.79 -3.39
C GLU B 81 -27.16 -11.24 -2.13
N GLU B 82 -26.31 -10.89 -1.15
CA GLU B 82 -26.76 -10.39 0.15
C GLU B 82 -26.14 -9.02 0.43
N LYS B 83 -25.99 -8.20 -0.60
CA LYS B 83 -25.41 -6.87 -0.49
C LYS B 83 -26.47 -5.81 -0.78
N GLY B 84 -26.25 -4.62 -0.23
CA GLY B 84 -27.18 -3.52 -0.37
C GLY B 84 -26.52 -2.21 -0.76
N PRO B 85 -26.80 -1.15 0.00
CA PRO B 85 -26.29 0.19 -0.35
C PRO B 85 -24.81 0.41 -0.05
N GLU B 86 -24.15 -0.47 0.72
CA GLU B 86 -22.79 -0.20 1.17
C GLU B 86 -21.79 -0.29 0.02
N VAL B 87 -21.92 -1.32 -0.82
CA VAL B 87 -20.97 -1.50 -1.91
C VAL B 87 -20.97 -0.31 -2.86
N ARG B 88 -22.16 0.21 -3.18
CA ARG B 88 -22.22 1.37 -4.06
C ARG B 88 -21.65 2.60 -3.38
N GLU B 89 -22.00 2.80 -2.11
CA GLU B 89 -21.50 3.98 -1.40
C GLU B 89 -19.99 3.99 -1.38
N TYR B 90 -19.38 2.85 -1.04
CA TYR B 90 -17.93 2.81 -0.91
C TYR B 90 -17.25 2.92 -2.27
N ARG B 91 -17.78 2.24 -3.30
CA ARG B 91 -17.21 2.43 -4.63
C ARG B 91 -17.26 3.89 -5.03
N GLU B 92 -18.35 4.57 -4.70
CA GLU B 92 -18.48 5.96 -5.12
C GLU B 92 -17.46 6.83 -4.39
N LYS B 93 -17.21 6.54 -3.11
CA LYS B 93 -16.21 7.29 -2.34
C LYS B 93 -14.83 7.16 -2.97
N VAL B 94 -14.41 5.92 -3.29
CA VAL B 94 -13.13 5.69 -3.96
C VAL B 94 -13.09 6.37 -5.32
N GLU B 95 -14.18 6.27 -6.07
CA GLU B 95 -14.28 6.89 -7.37
C GLU B 95 -14.00 8.39 -7.31
N THR B 96 -14.65 9.09 -6.37
CA THR B 96 -14.44 10.53 -6.19
C THR B 96 -12.99 10.84 -5.88
N GLU B 97 -12.38 10.05 -5.00
CA GLU B 97 -10.96 10.21 -4.68
C GLU B 97 -10.10 10.03 -5.93
N LEU B 98 -10.33 8.93 -6.67
CA LEU B 98 -9.65 8.72 -7.94
C LEU B 98 -9.77 9.95 -8.84
N GLN B 99 -11.01 10.43 -9.05
CA GLN B 99 -11.22 11.59 -9.91
C GLN B 99 -10.47 12.81 -9.40
N GLY B 100 -10.41 12.99 -8.08
CA GLY B 100 -9.72 14.15 -7.56
C GLY B 100 -8.24 14.14 -7.86
N VAL B 101 -7.62 12.97 -7.76
CA VAL B 101 -6.19 12.86 -8.08
C VAL B 101 -5.97 13.09 -9.58
N CYS B 102 -6.76 12.42 -10.43
CA CYS B 102 -6.57 12.64 -11.87
C CYS B 102 -6.70 14.11 -12.23
N ASP B 103 -7.74 14.77 -11.69
CA ASP B 103 -7.90 16.20 -11.97
C ASP B 103 -6.68 17.00 -11.52
N THR B 104 -6.14 16.71 -10.33
CA THR B 104 -4.93 17.39 -9.88
C THR B 104 -3.80 17.23 -10.87
N VAL B 105 -3.64 16.01 -11.40
CA VAL B 105 -2.54 15.73 -12.31
C VAL B 105 -2.73 16.47 -13.61
N LEU B 106 -3.91 16.30 -14.23
CA LEU B 106 -4.26 17.08 -15.40
C LEU B 106 -4.10 18.58 -15.14
N GLY B 107 -4.45 19.02 -13.93
CA GLY B 107 -4.19 20.39 -13.52
C GLY B 107 -2.74 20.83 -13.68
N LEU B 108 -1.82 20.12 -13.02
CA LEU B 108 -0.39 20.46 -13.12
C LEU B 108 0.15 20.34 -14.54
N LEU B 109 -0.37 19.39 -15.31
CA LEU B 109 0.08 19.22 -16.68
C LEU B 109 -0.25 20.49 -17.47
N ASP B 110 -1.52 20.91 -17.45
CA ASP B 110 -1.93 22.09 -18.23
C ASP B 110 -1.27 23.36 -17.70
N SER B 111 -1.11 23.47 -16.38
CA SER B 111 -0.68 24.71 -15.75
C SER B 111 0.82 24.95 -15.86
N HIS B 112 1.64 23.90 -15.78
CA HIS B 112 3.07 24.08 -15.60
C HIS B 112 3.95 23.27 -16.54
N LEU B 113 3.46 22.19 -17.12
CA LEU B 113 4.35 21.14 -17.64
C LEU B 113 4.23 20.92 -19.13
N ILE B 114 2.99 20.76 -19.65
CA ILE B 114 2.76 20.66 -21.08
C ILE B 114 3.10 22.01 -21.70
N LYS B 115 4.17 22.04 -22.49
CA LYS B 115 4.73 23.26 -23.04
C LYS B 115 5.15 23.00 -24.48
N GLU B 116 5.48 24.09 -25.19
CA GLU B 116 6.00 24.01 -26.55
C GLU B 116 7.51 23.93 -26.61
N ALA B 117 8.20 24.60 -25.69
CA ALA B 117 9.65 24.47 -25.60
C ALA B 117 10.03 23.04 -25.15
N GLY B 118 11.34 22.77 -25.14
CA GLY B 118 11.86 21.53 -24.61
C GLY B 118 11.88 20.40 -25.62
N ASP B 119 12.71 19.39 -25.32
CA ASP B 119 12.98 18.28 -26.22
C ASP B 119 11.75 17.39 -26.40
N ALA B 120 11.82 16.54 -27.42
CA ALA B 120 10.68 15.67 -27.75
C ALA B 120 10.40 14.65 -26.66
N GLU B 121 11.41 14.27 -25.86
CA GLU B 121 11.17 13.40 -24.72
C GLU B 121 10.25 14.08 -23.70
N SER B 122 10.59 15.30 -23.29
CA SER B 122 9.67 16.13 -22.51
C SER B 122 8.25 16.04 -23.02
N ARG B 123 8.07 16.40 -24.29
CA ARG B 123 6.74 16.72 -24.78
C ARG B 123 5.87 15.49 -24.92
N VAL B 124 6.45 14.39 -25.41
CA VAL B 124 5.71 13.13 -25.52
C VAL B 124 5.31 12.63 -24.13
N PHE B 125 6.26 12.67 -23.19
CA PHE B 125 6.03 12.21 -21.82
C PHE B 125 4.81 12.88 -21.21
N TYR B 126 4.81 14.22 -21.21
CA TYR B 126 3.71 14.97 -20.59
C TYR B 126 2.39 14.75 -21.31
N LEU B 127 2.41 14.64 -22.66
CA LEU B 127 1.16 14.44 -23.36
C LEU B 127 0.64 13.02 -23.20
N LYS B 128 1.54 12.03 -23.19
CA LYS B 128 1.13 10.67 -22.86
C LYS B 128 0.48 10.63 -21.48
N MET B 129 1.13 11.27 -20.52
CA MET B 129 0.60 11.39 -19.17
C MET B 129 -0.80 12.03 -19.18
N LYS B 130 -1.02 13.06 -20.02
CA LYS B 130 -2.36 13.63 -20.16
C LYS B 130 -3.34 12.58 -20.66
N GLY B 131 -2.97 11.83 -21.70
CA GLY B 131 -3.87 10.80 -22.20
C GLY B 131 -4.13 9.71 -21.16
N ASP B 132 -3.08 9.33 -20.42
CA ASP B 132 -3.21 8.29 -19.40
C ASP B 132 -4.22 8.70 -18.33
N TYR B 133 -4.06 9.90 -17.76
CA TYR B 133 -4.95 10.28 -16.66
C TYR B 133 -6.37 10.57 -17.14
N TYR B 134 -6.54 11.07 -18.38
CA TYR B 134 -7.87 11.12 -18.97
C TYR B 134 -8.43 9.71 -19.18
N ARG B 135 -7.57 8.77 -19.59
CA ARG B 135 -8.01 7.37 -19.68
C ARG B 135 -8.45 6.85 -18.32
N TYR B 136 -7.76 7.26 -17.24
CA TYR B 136 -8.16 6.75 -15.93
C TYR B 136 -9.48 7.37 -15.48
N LEU B 137 -9.76 8.62 -15.88
CA LEU B 137 -11.11 9.16 -15.67
C LEU B 137 -12.12 8.42 -16.54
N ALA B 138 -11.76 8.10 -17.78
CA ALA B 138 -12.64 7.36 -18.66
C ALA B 138 -13.06 6.02 -18.06
N GLU B 139 -12.15 5.36 -17.33
CA GLU B 139 -12.45 4.02 -16.82
C GLU B 139 -13.63 4.04 -15.84
N VAL B 140 -13.89 5.17 -15.19
CA VAL B 140 -14.94 5.26 -14.19
C VAL B 140 -16.06 6.19 -14.60
N ALA B 141 -15.96 6.84 -15.76
CA ALA B 141 -16.98 7.79 -16.21
C ALA B 141 -18.16 7.05 -16.86
N THR B 142 -19.34 7.66 -16.78
CA THR B 142 -20.52 7.14 -17.45
C THR B 142 -21.14 8.21 -18.33
N GLY B 143 -22.02 7.76 -19.23
CA GLY B 143 -22.92 8.66 -19.93
C GLY B 143 -22.20 9.64 -20.84
N ASP B 144 -22.75 10.86 -20.90
CA ASP B 144 -22.19 11.87 -21.80
C ASP B 144 -20.83 12.33 -21.33
N ASP B 145 -20.56 12.21 -20.03
CA ASP B 145 -19.25 12.55 -19.50
C ASP B 145 -18.17 11.67 -20.12
N LYS B 146 -18.35 10.35 -20.06
CA LYS B 146 -17.40 9.41 -20.65
C LYS B 146 -17.03 9.82 -22.07
N LYS B 147 -18.03 10.19 -22.88
CA LYS B 147 -17.77 10.53 -24.27
C LYS B 147 -16.79 11.70 -24.36
N ARG B 148 -16.98 12.72 -23.51
CA ARG B 148 -16.12 13.89 -23.58
C ARG B 148 -14.71 13.58 -23.09
N ILE B 149 -14.60 12.80 -22.01
CA ILE B 149 -13.29 12.43 -21.46
C ILE B 149 -12.52 11.57 -22.48
N ILE B 150 -13.20 10.63 -23.13
CA ILE B 150 -12.57 9.81 -24.16
C ILE B 150 -11.96 10.68 -25.24
N ASP B 151 -12.76 11.61 -25.79
CA ASP B 151 -12.28 12.51 -26.83
C ASP B 151 -10.96 13.17 -26.43
N SER B 152 -10.92 13.67 -25.19
CA SER B 152 -9.74 14.39 -24.70
C SER B 152 -8.55 13.45 -24.56
N ALA B 153 -8.78 12.24 -24.06
CA ALA B 153 -7.72 11.25 -23.97
C ALA B 153 -7.15 10.93 -25.35
N ARG B 154 -8.03 10.56 -26.30
CA ARG B 154 -7.58 10.25 -27.66
C ARG B 154 -6.86 11.43 -28.29
N SER B 155 -7.33 12.65 -28.04
CA SER B 155 -6.70 13.81 -28.65
C SER B 155 -5.27 13.97 -28.14
N ALA B 156 -5.08 13.87 -26.82
CA ALA B 156 -3.73 13.99 -26.25
C ALA B 156 -2.83 12.82 -26.68
N TYR B 157 -3.37 11.60 -26.68
CA TYR B 157 -2.57 10.46 -27.15
C TYR B 157 -2.15 10.67 -28.59
N GLN B 158 -3.07 11.14 -29.45
CA GLN B 158 -2.78 11.32 -30.87
C GLN B 158 -1.74 12.41 -31.10
N GLU B 159 -1.83 13.52 -30.35
CA GLU B 159 -0.77 14.52 -30.44
C GLU B 159 0.59 13.91 -30.09
N ALA B 160 0.66 13.19 -28.97
CA ALA B 160 1.93 12.60 -28.58
C ALA B 160 2.35 11.56 -29.61
N MET B 161 1.39 10.87 -30.19
CA MET B 161 1.71 9.88 -31.26
C MET B 161 2.45 10.59 -32.40
N ASP B 162 1.93 11.73 -32.88
CA ASP B 162 2.56 12.40 -34.02
C ASP B 162 3.96 12.91 -33.74
N ILE B 163 4.22 13.40 -32.53
CA ILE B 163 5.58 13.80 -32.20
C ILE B 163 6.49 12.59 -32.17
N SER B 164 5.99 11.44 -31.70
CA SER B 164 6.89 10.30 -31.52
C SER B 164 7.24 9.68 -32.86
N LYS B 165 6.29 9.68 -33.80
CA LYS B 165 6.58 9.13 -35.13
C LYS B 165 7.65 9.93 -35.85
N LYS B 166 7.68 11.25 -35.64
CA LYS B 166 8.61 12.13 -36.36
C LYS B 166 9.96 12.27 -35.69
N GLU B 167 10.06 12.11 -34.37
CA GLU B 167 11.26 12.53 -33.66
C GLU B 167 11.92 11.45 -32.81
N MET B 168 11.37 10.25 -32.75
CA MET B 168 12.00 9.18 -31.98
C MET B 168 12.05 7.90 -32.80
N PRO B 169 13.09 7.08 -32.60
CA PRO B 169 13.18 5.80 -33.33
C PRO B 169 12.13 4.81 -32.83
N PRO B 170 11.77 3.80 -33.63
CA PRO B 170 10.69 2.88 -33.22
C PRO B 170 10.94 2.10 -31.94
N THR B 171 12.19 1.96 -31.48
CA THR B 171 12.48 1.22 -30.27
C THR B 171 12.66 2.11 -29.04
N ASN B 172 12.43 3.41 -29.17
CA ASN B 172 12.55 4.31 -28.03
C ASN B 172 11.56 3.90 -26.93
N PRO B 173 12.02 3.75 -25.68
CA PRO B 173 11.09 3.30 -24.61
C PRO B 173 9.84 4.17 -24.47
N ILE B 174 10.00 5.49 -24.51
CA ILE B 174 8.85 6.36 -24.34
C ILE B 174 7.87 6.21 -25.49
N ARG B 175 8.40 6.14 -26.72
CA ARG B 175 7.55 5.92 -27.88
C ARG B 175 6.75 4.62 -27.74
N LEU B 176 7.42 3.56 -27.29
CA LEU B 176 6.75 2.27 -27.17
C LEU B 176 5.65 2.29 -26.11
N GLY B 177 5.96 2.80 -24.90
CA GLY B 177 4.95 2.83 -23.86
C GLY B 177 3.69 3.62 -24.20
N LEU B 178 3.87 4.75 -24.89
CA LEU B 178 2.72 5.54 -25.39
C LEU B 178 1.89 4.66 -26.32
N ALA B 179 2.55 4.02 -27.28
CA ALA B 179 1.81 3.21 -28.25
C ALA B 179 1.11 2.08 -27.53
N LEU B 180 1.79 1.44 -26.56
CA LEU B 180 1.17 0.41 -25.75
C LEU B 180 -0.08 0.96 -25.06
N ASN B 181 0.04 2.14 -24.44
CA ASN B 181 -1.09 2.71 -23.72
C ASN B 181 -2.22 3.10 -24.67
N PHE B 182 -1.89 3.77 -25.78
CA PHE B 182 -2.90 4.11 -26.79
C PHE B 182 -3.62 2.86 -27.29
N SER B 183 -2.86 1.80 -27.55
CA SER B 183 -3.44 0.51 -27.90
C SER B 183 -4.44 0.04 -26.85
N VAL B 184 -4.05 0.14 -25.56
CA VAL B 184 -4.94 -0.30 -24.48
C VAL B 184 -6.17 0.62 -24.41
N PHE B 185 -5.98 1.91 -24.70
CA PHE B 185 -7.09 2.83 -24.82
C PHE B 185 -8.12 2.32 -25.84
N HIS B 186 -7.64 1.97 -27.04
CA HIS B 186 -8.54 1.56 -28.13
C HIS B 186 -9.36 0.33 -27.73
N TYR B 187 -8.73 -0.61 -27.04
CA TYR B 187 -9.39 -1.87 -26.72
C TYR B 187 -10.34 -1.74 -25.54
N GLU B 188 -9.92 -1.09 -24.47
CA GLU B 188 -10.75 -1.12 -23.24
C GLU B 188 -11.64 0.11 -23.10
N ILE B 189 -11.26 1.24 -23.69
CA ILE B 189 -11.97 2.49 -23.47
C ILE B 189 -12.81 2.87 -24.69
N ALA B 190 -12.19 2.87 -25.87
CA ALA B 190 -12.78 3.38 -27.10
C ALA B 190 -13.61 2.35 -27.87
N ASN B 191 -13.65 1.10 -27.43
CA ASN B 191 -14.26 -0.03 -28.17
C ASN B 191 -13.87 -0.02 -29.65
N SER B 192 -12.57 0.01 -29.89
CA SER B 192 -11.99 -0.10 -31.23
C SER B 192 -10.98 -1.24 -31.20
N PRO B 193 -11.46 -2.49 -31.11
CA PRO B 193 -10.53 -3.61 -30.97
C PRO B 193 -9.66 -3.78 -32.20
N GLU B 194 -10.18 -3.44 -33.38
CA GLU B 194 -9.38 -3.59 -34.59
C GLU B 194 -8.27 -2.55 -34.63
N GLU B 195 -8.54 -1.34 -34.16
CA GLU B 195 -7.48 -0.34 -34.07
C GLU B 195 -6.47 -0.72 -32.99
N ALA B 196 -6.93 -1.27 -31.87
CA ALA B 196 -6.02 -1.70 -30.82
C ALA B 196 -5.03 -2.75 -31.32
N ILE B 197 -5.55 -3.81 -31.94
CA ILE B 197 -4.70 -4.89 -32.45
C ILE B 197 -3.75 -4.35 -33.50
N SER B 198 -4.25 -3.48 -34.39
CA SER B 198 -3.43 -2.96 -35.48
C SER B 198 -2.28 -2.10 -34.94
N LEU B 199 -2.60 -1.14 -34.07
CA LEU B 199 -1.55 -0.32 -33.47
C LEU B 199 -0.50 -1.17 -32.75
N ALA B 200 -0.92 -2.20 -32.03
CA ALA B 200 0.02 -3.00 -31.27
C ALA B 200 0.84 -3.92 -32.18
N LYS B 201 0.20 -4.50 -33.20
CA LYS B 201 0.96 -5.27 -34.19
C LYS B 201 2.02 -4.40 -34.86
N THR B 202 1.64 -3.19 -35.29
CA THR B 202 2.61 -2.33 -35.99
C THR B 202 3.74 -1.91 -35.06
N THR B 203 3.41 -1.54 -33.82
CA THR B 203 4.46 -1.10 -32.90
C THR B 203 5.49 -2.20 -32.68
N PHE B 204 5.01 -3.42 -32.44
CA PHE B 204 5.90 -4.55 -32.20
C PHE B 204 6.71 -4.88 -33.45
N ASP B 205 6.08 -4.82 -34.63
CA ASP B 205 6.75 -5.16 -35.89
C ASP B 205 7.86 -4.16 -36.19
N GLU B 206 7.57 -2.86 -36.09
CA GLU B 206 8.56 -1.82 -36.43
C GLU B 206 9.69 -1.77 -35.41
N ALA B 207 9.40 -2.10 -34.14
CA ALA B 207 10.45 -2.18 -33.14
C ALA B 207 11.32 -3.42 -33.34
N MET B 208 10.69 -4.55 -33.71
CA MET B 208 11.41 -5.79 -33.98
C MET B 208 12.50 -5.56 -35.02
N ALA B 209 12.15 -4.85 -36.11
CA ALA B 209 13.09 -4.63 -37.20
C ALA B 209 14.36 -3.91 -36.73
N ASP B 210 14.23 -3.01 -35.76
CA ASP B 210 15.38 -2.26 -35.23
C ASP B 210 15.92 -2.84 -33.91
N LEU B 211 15.52 -4.06 -33.54
CA LEU B 211 15.81 -4.59 -32.21
C LEU B 211 17.31 -4.77 -31.99
N HIS B 212 18.03 -5.28 -33.00
CA HIS B 212 19.46 -5.54 -32.86
C HIS B 212 20.29 -4.28 -32.66
N THR B 213 19.76 -3.10 -33.01
CA THR B 213 20.49 -1.84 -32.90
C THR B 213 20.11 -1.03 -31.67
N LEU B 214 19.47 -1.67 -30.69
CA LEU B 214 18.97 -0.96 -29.52
C LEU B 214 20.10 -0.66 -28.54
N SER B 215 20.16 0.58 -28.07
CA SER B 215 21.21 0.99 -27.14
C SER B 215 21.04 0.29 -25.79
N GLU B 216 22.15 0.12 -25.09
CA GLU B 216 22.14 -0.60 -23.81
C GLU B 216 21.20 0.05 -22.80
N ASP B 217 21.11 1.39 -22.82
CA ASP B 217 20.25 2.11 -21.87
C ASP B 217 18.80 1.68 -21.95
N SER B 218 18.35 1.20 -23.10
CA SER B 218 16.94 0.93 -23.31
C SER B 218 16.61 -0.55 -23.27
N TYR B 219 17.61 -1.43 -23.08
CA TYR B 219 17.36 -2.87 -23.08
C TYR B 219 16.17 -3.20 -22.22
N LYS B 220 16.25 -2.86 -20.92
CA LYS B 220 15.22 -3.28 -19.98
C LYS B 220 13.87 -2.67 -20.32
N ASP B 221 13.84 -1.34 -20.50
CA ASP B 221 12.57 -0.64 -20.73
C ASP B 221 11.94 -1.08 -22.04
N SER B 222 12.71 -1.01 -23.13
CA SER B 222 12.17 -1.33 -24.45
C SER B 222 11.71 -2.78 -24.53
N THR B 223 12.58 -3.74 -24.16
CA THR B 223 12.17 -5.13 -24.31
C THR B 223 11.00 -5.47 -23.39
N LEU B 224 10.88 -4.80 -22.24
CA LEU B 224 9.71 -5.01 -21.39
C LEU B 224 8.43 -4.59 -22.10
N ILE B 225 8.43 -3.41 -22.73
CA ILE B 225 7.21 -2.96 -23.41
C ILE B 225 6.86 -3.90 -24.56
N MET B 226 7.88 -4.39 -25.27
CA MET B 226 7.63 -5.34 -26.34
C MET B 226 6.94 -6.60 -25.82
N GLN B 227 7.40 -7.09 -24.66
CA GLN B 227 6.75 -8.24 -24.04
C GLN B 227 5.30 -7.95 -23.73
N LEU B 228 5.00 -6.74 -23.25
CA LEU B 228 3.63 -6.41 -22.90
C LEU B 228 2.76 -6.23 -24.15
N LEU B 229 3.32 -5.62 -25.20
CA LEU B 229 2.61 -5.55 -26.47
C LEU B 229 2.28 -6.96 -26.99
N ARG B 230 3.23 -7.89 -26.88
CA ARG B 230 2.98 -9.25 -27.33
C ARG B 230 2.00 -9.97 -26.44
N ASP B 231 2.02 -9.68 -25.13
CA ASP B 231 1.07 -10.31 -24.20
C ASP B 231 -0.36 -9.85 -24.49
N ASN B 232 -0.55 -8.54 -24.70
CA ASN B 232 -1.86 -8.04 -25.06
C ASN B 232 -2.36 -8.68 -26.36
N LEU B 233 -1.47 -8.78 -27.35
CA LEU B 233 -1.85 -9.38 -28.63
C LEU B 233 -2.25 -10.84 -28.45
N THR B 234 -1.56 -11.55 -27.56
CA THR B 234 -1.95 -12.93 -27.25
C THR B 234 -3.32 -12.97 -26.62
N LEU B 235 -3.64 -11.97 -25.79
CA LEU B 235 -4.93 -11.93 -25.11
C LEU B 235 -6.06 -11.65 -26.09
N TRP B 236 -5.81 -10.78 -27.08
CA TRP B 236 -6.87 -10.23 -27.92
C TRP B 236 -7.12 -11.02 -29.19
N THR B 237 -6.21 -11.90 -29.57
CA THR B 237 -6.29 -12.68 -30.81
C THR B 237 -5.89 -14.12 -30.51
N ARG C 1 15.04 -5.57 8.54
CA ARG C 1 14.90 -6.44 9.72
C ARG C 1 14.98 -7.93 9.36
N ARG C 2 15.94 -8.68 9.93
CA ARG C 2 15.91 -10.15 9.69
C ARG C 2 14.96 -10.78 10.72
N VAL C 3 14.89 -10.19 11.92
CA VAL C 3 13.87 -10.64 12.92
C VAL C 3 12.38 -10.53 12.58
N ARG C 4 11.60 -11.55 12.92
CA ARG C 4 10.20 -11.52 12.51
C ARG C 4 9.26 -11.64 13.69
N ASP C 6 4.81 -11.93 14.66
CA ASP C 6 3.64 -12.66 14.20
C ASP C 6 2.97 -11.97 13.00
N PRO C 7 2.82 -12.68 11.87
CA PRO C 7 2.10 -12.11 10.72
C PRO C 7 0.58 -12.07 10.91
N GLY C 8 0.05 -12.71 11.93
CA GLY C 8 -1.40 -12.71 12.15
C GLY C 8 -2.15 -13.62 11.20
N ARG D 1 -7.70 -7.63 -13.90
CA ARG D 1 -7.26 -7.01 -15.17
C ARG D 1 -6.14 -7.84 -15.80
N ARG D 2 -6.34 -8.30 -17.05
CA ARG D 2 -5.32 -9.11 -17.73
C ARG D 2 -4.43 -8.29 -18.67
N VAL D 3 -5.00 -7.28 -19.36
CA VAL D 3 -4.18 -6.48 -20.24
C VAL D 3 -3.22 -5.63 -19.41
N ARG D 4 -2.08 -5.32 -20.00
CA ARG D 4 -1.07 -4.54 -19.31
C ARG D 4 -0.85 -3.20 -20.03
N ASP D 6 1.80 0.56 -19.73
CA ASP D 6 3.20 0.88 -19.47
C ASP D 6 3.41 1.07 -17.98
N PRO D 7 4.24 0.23 -17.36
CA PRO D 7 4.52 0.41 -15.93
C PRO D 7 5.49 1.56 -15.62
N GLY D 8 6.12 2.17 -16.62
CA GLY D 8 6.99 3.30 -16.38
C GLY D 8 8.47 2.98 -16.26
#